data_1KPE
#
_entry.id   1KPE
#
_cell.length_a   46.200
_cell.length_b   77.800
_cell.length_c   80.800
_cell.angle_alpha   90.00
_cell.angle_beta   90.00
_cell.angle_gamma   90.00
#
_symmetry.space_group_name_H-M   'P 21 21 21'
#
loop_
_entity.id
_entity.type
_entity.pdbx_description
1 polymer 'PROTEIN KINASE C INTERACTING PROTEIN'
2 non-polymer "ADENOSINE-5'-DITUNGSTATE"
3 water water
#
_entity_poly.entity_id   1
_entity_poly.type   'polypeptide(L)'
_entity_poly.pdbx_seq_one_letter_code
;(ACE)ADEIAKAQVARPGGDTIFGKIIRKEIPAKIIFEDDRCLAFHDISPQAPTHFLVIPKKHISQISVAEDDDESLLGH
LMIVGKKCAADLGLNKGYRMVVNEGSDGGQSVYHVHLHVLGGRQMHWPPG
;
_entity_poly.pdbx_strand_id   A,B
#
loop_
_chem_comp.id
_chem_comp.type
_chem_comp.name
_chem_comp.formula
ACE non-polymer 'ACETYL GROUP' 'C2 H4 O'
ADW non-polymer ADENOSINE-5'-DITUNGSTATE 'C10 H15 N5 O10 W2'
#
# COMPACT_ATOMS: atom_id res chain seq x y z
N GLY A 14 -4.38 -1.94 -21.30
CA GLY A 14 -4.30 -0.65 -20.53
C GLY A 14 -2.92 -0.01 -20.43
N GLY A 15 -2.33 0.39 -21.56
CA GLY A 15 -1.02 1.00 -21.55
C GLY A 15 0.11 0.39 -22.40
N ASP A 16 1.23 1.11 -22.40
CA ASP A 16 2.43 0.72 -23.15
C ASP A 16 3.52 0.12 -22.25
N THR A 17 3.14 -0.84 -21.42
CA THR A 17 4.09 -1.51 -20.56
C THR A 17 3.74 -2.99 -20.67
N ILE A 18 4.56 -3.84 -20.06
CA ILE A 18 4.32 -5.28 -20.09
C ILE A 18 3.01 -5.56 -19.39
N PHE A 19 2.62 -4.68 -18.46
CA PHE A 19 1.37 -4.83 -17.70
C PHE A 19 0.16 -4.57 -18.58
N GLY A 20 0.30 -3.70 -19.56
CA GLY A 20 -0.78 -3.42 -20.49
C GLY A 20 -1.01 -4.65 -21.37
N LYS A 21 0.07 -5.30 -21.81
CA LYS A 21 0.00 -6.53 -22.64
C LYS A 21 -0.70 -7.65 -21.89
N ILE A 22 -0.51 -7.71 -20.58
CA ILE A 22 -1.12 -8.72 -19.74
C ILE A 22 -2.64 -8.44 -19.61
N ILE A 23 -3.02 -7.18 -19.43
CA ILE A 23 -4.43 -6.77 -19.32
C ILE A 23 -5.15 -7.05 -20.64
N ARG A 24 -4.43 -6.87 -21.74
CA ARG A 24 -4.99 -7.12 -23.05
C ARG A 24 -4.94 -8.60 -23.49
N LYS A 25 -4.46 -9.46 -22.58
CA LYS A 25 -4.31 -10.91 -22.77
C LYS A 25 -3.41 -11.22 -23.94
N GLU A 26 -2.54 -10.27 -24.27
CA GLU A 26 -1.60 -10.43 -25.37
C GLU A 26 -0.47 -11.34 -24.94
N ILE A 27 -0.19 -11.40 -23.65
CA ILE A 27 0.83 -12.33 -23.19
C ILE A 27 0.24 -12.97 -21.97
N PRO A 28 0.63 -14.22 -21.67
CA PRO A 28 0.08 -14.90 -20.49
C PRO A 28 0.60 -14.44 -19.16
N ALA A 29 -0.21 -14.70 -18.14
CA ALA A 29 0.10 -14.39 -16.76
C ALA A 29 -0.77 -15.33 -15.95
N LYS A 30 -0.40 -15.56 -14.70
CA LYS A 30 -1.16 -16.42 -13.80
C LYS A 30 -2.22 -15.59 -13.07
N ILE A 31 -3.34 -15.39 -13.78
CA ILE A 31 -4.47 -14.62 -13.30
C ILE A 31 -5.24 -15.23 -12.14
N ILE A 32 -5.33 -14.44 -11.08
CA ILE A 32 -6.03 -14.78 -9.86
C ILE A 32 -7.47 -14.24 -9.79
N PHE A 33 -7.67 -13.03 -10.29
CA PHE A 33 -8.96 -12.33 -10.26
C PHE A 33 -8.97 -11.23 -11.27
N GLU A 34 -10.18 -10.94 -11.76
CA GLU A 34 -10.35 -9.88 -12.72
C GLU A 34 -11.75 -9.30 -12.56
N ASP A 35 -11.88 -8.01 -12.81
CA ASP A 35 -13.20 -7.42 -12.80
C ASP A 35 -13.22 -6.37 -13.88
N ASP A 36 -14.17 -5.44 -13.86
CA ASP A 36 -14.20 -4.45 -14.95
C ASP A 36 -13.12 -3.36 -14.80
N ARG A 37 -12.46 -3.31 -13.63
CA ARG A 37 -11.51 -2.24 -13.37
C ARG A 37 -10.11 -2.60 -12.85
N CYS A 38 -9.87 -3.88 -12.55
CA CYS A 38 -8.56 -4.31 -12.06
C CYS A 38 -8.27 -5.77 -12.43
N LEU A 39 -7.00 -6.15 -12.27
CA LEU A 39 -6.56 -7.51 -12.56
C LEU A 39 -5.55 -7.95 -11.49
N ALA A 40 -5.72 -9.15 -10.93
CA ALA A 40 -4.77 -9.66 -9.95
C ALA A 40 -4.08 -10.90 -10.56
N PHE A 41 -2.76 -10.97 -10.49
CA PHE A 41 -2.03 -12.11 -11.02
C PHE A 41 -0.73 -12.28 -10.23
N HIS A 42 -0.23 -13.52 -10.24
CA HIS A 42 1.00 -13.82 -9.52
C HIS A 42 2.20 -13.11 -10.16
N ASP A 43 3.10 -12.65 -9.32
CA ASP A 43 4.32 -11.96 -9.78
C ASP A 43 5.22 -13.04 -10.40
N ILE A 44 5.69 -12.79 -11.61
CA ILE A 44 6.59 -13.69 -12.32
C ILE A 44 7.97 -13.89 -11.62
N SER A 45 8.31 -13.01 -10.69
CA SER A 45 9.55 -13.09 -9.94
C SER A 45 9.18 -13.00 -8.46
N PRO A 46 8.58 -14.08 -7.92
CA PRO A 46 8.15 -14.08 -6.52
C PRO A 46 9.18 -13.89 -5.41
N GLN A 47 8.80 -13.06 -4.44
CA GLN A 47 9.71 -12.74 -3.32
C GLN A 47 9.26 -13.35 -2.01
N ALA A 48 8.21 -14.18 -2.09
CA ALA A 48 7.68 -14.88 -0.93
C ALA A 48 6.86 -16.03 -1.52
N PRO A 49 6.49 -17.04 -0.70
CA PRO A 49 5.70 -18.20 -1.14
C PRO A 49 4.46 -17.74 -1.89
N THR A 50 3.83 -16.66 -1.43
CA THR A 50 2.70 -16.03 -2.14
C THR A 50 3.11 -14.60 -2.44
N HIS A 51 3.17 -14.26 -3.72
CA HIS A 51 3.53 -12.92 -4.09
C HIS A 51 2.71 -12.61 -5.31
N PHE A 52 1.71 -11.75 -5.15
CA PHE A 52 0.91 -11.38 -6.29
C PHE A 52 0.76 -9.83 -6.44
N LEU A 53 0.25 -9.40 -7.58
CA LEU A 53 0.05 -8.01 -7.90
C LEU A 53 -1.43 -7.74 -8.23
N VAL A 54 -1.92 -6.56 -7.84
CA VAL A 54 -3.28 -6.13 -8.19
C VAL A 54 -3.04 -4.80 -8.87
N ILE A 55 -3.44 -4.72 -10.13
CA ILE A 55 -3.25 -3.52 -10.92
C ILE A 55 -4.55 -2.97 -11.53
N PRO A 56 -4.65 -1.63 -11.65
CA PRO A 56 -5.87 -1.10 -12.25
C PRO A 56 -5.71 -1.31 -13.76
N LYS A 57 -6.83 -1.33 -14.48
CA LYS A 57 -6.79 -1.49 -15.90
C LYS A 57 -6.54 -0.13 -16.53
N LYS A 58 -6.86 0.92 -15.77
CA LYS A 58 -6.61 2.29 -16.20
C LYS A 58 -5.11 2.47 -16.08
N HIS A 59 -4.47 2.96 -17.13
CA HIS A 59 -3.04 3.17 -17.06
C HIS A 59 -2.60 4.40 -16.28
N ILE A 60 -2.34 4.20 -14.99
CA ILE A 60 -1.81 5.25 -14.12
C ILE A 60 -0.33 4.81 -13.97
N SER A 61 0.59 5.56 -14.56
CA SER A 61 2.00 5.19 -14.53
C SER A 61 2.66 5.06 -13.19
N GLN A 62 2.24 5.87 -12.23
CA GLN A 62 2.82 5.77 -10.91
C GLN A 62 1.90 6.46 -9.92
N ILE A 63 1.96 6.04 -8.67
CA ILE A 63 1.11 6.58 -7.59
C ILE A 63 1.26 8.12 -7.46
N SER A 64 2.46 8.65 -7.78
CA SER A 64 2.70 10.08 -7.66
C SER A 64 1.81 10.95 -8.55
N VAL A 65 1.33 10.40 -9.67
CA VAL A 65 0.47 11.16 -10.57
C VAL A 65 -1.00 10.75 -10.50
N ALA A 66 -1.40 10.00 -9.48
CA ALA A 66 -2.80 9.56 -9.34
C ALA A 66 -3.67 10.78 -9.01
N GLU A 67 -4.77 10.92 -9.76
CA GLU A 67 -5.72 12.01 -9.55
C GLU A 67 -6.54 11.67 -8.33
N ASP A 68 -7.16 12.68 -7.72
CA ASP A 68 -8.00 12.51 -6.53
C ASP A 68 -9.22 11.64 -6.83
N ASP A 69 -9.63 11.70 -8.09
CA ASP A 69 -10.76 10.93 -8.62
C ASP A 69 -10.50 9.44 -8.65
N ASP A 70 -9.21 9.05 -8.60
CA ASP A 70 -8.75 7.65 -8.63
C ASP A 70 -8.77 7.07 -7.24
N GLU A 71 -9.12 7.87 -6.25
CA GLU A 71 -9.11 7.44 -4.87
C GLU A 71 -9.81 6.08 -4.54
N SER A 72 -11.07 5.94 -4.95
CA SER A 72 -11.77 4.72 -4.63
C SER A 72 -11.22 3.53 -5.43
N LEU A 73 -10.76 3.79 -6.65
CA LEU A 73 -10.14 2.78 -7.47
C LEU A 73 -8.89 2.24 -6.73
N LEU A 74 -8.09 3.14 -6.14
CA LEU A 74 -6.91 2.72 -5.41
C LEU A 74 -7.34 1.92 -4.21
N GLY A 75 -8.42 2.35 -3.57
CA GLY A 75 -8.92 1.63 -2.42
C GLY A 75 -9.43 0.24 -2.87
N HIS A 76 -9.93 0.19 -4.10
CA HIS A 76 -10.45 -1.03 -4.70
C HIS A 76 -9.32 -2.06 -4.85
N LEU A 77 -8.13 -1.61 -5.26
CA LEU A 77 -6.96 -2.47 -5.40
C LEU A 77 -6.66 -3.17 -4.08
N MET A 78 -6.76 -2.43 -2.97
CA MET A 78 -6.50 -3.00 -1.66
C MET A 78 -7.57 -3.98 -1.19
N ILE A 79 -8.83 -3.67 -1.48
CA ILE A 79 -9.95 -4.52 -1.09
C ILE A 79 -9.83 -5.85 -1.87
N VAL A 80 -9.57 -5.74 -3.16
CA VAL A 80 -9.38 -6.89 -4.02
C VAL A 80 -8.13 -7.69 -3.53
N GLY A 81 -7.07 -6.97 -3.16
CA GLY A 81 -5.86 -7.61 -2.64
C GLY A 81 -6.14 -8.39 -1.36
N LYS A 82 -6.87 -7.79 -0.41
CA LYS A 82 -7.20 -8.47 0.86
C LYS A 82 -8.07 -9.73 0.63
N LYS A 83 -8.94 -9.67 -0.38
CA LYS A 83 -9.79 -10.79 -0.73
C LYS A 83 -9.00 -11.88 -1.42
N CYS A 84 -8.17 -11.52 -2.40
CA CYS A 84 -7.32 -12.49 -3.09
C CYS A 84 -6.36 -13.20 -2.11
N ALA A 85 -5.83 -12.45 -1.14
CA ALA A 85 -4.95 -13.04 -0.14
C ALA A 85 -5.65 -14.13 0.67
N ALA A 86 -6.90 -13.90 1.08
CA ALA A 86 -7.66 -14.91 1.86
C ALA A 86 -7.88 -16.18 1.05
N ASP A 87 -8.22 -16.03 -0.22
CA ASP A 87 -8.42 -17.18 -1.10
C ASP A 87 -7.12 -17.85 -1.57
N LEU A 88 -5.97 -17.30 -1.15
CA LEU A 88 -4.68 -17.89 -1.46
C LEU A 88 -4.11 -18.48 -0.18
N GLY A 89 -4.98 -18.55 0.83
CA GLY A 89 -4.62 -19.13 2.10
C GLY A 89 -3.74 -18.35 3.04
N LEU A 90 -3.62 -17.04 2.83
CA LEU A 90 -2.77 -16.19 3.68
C LEU A 90 -3.45 -15.76 4.97
N ASN A 91 -3.63 -16.71 5.85
CA ASN A 91 -4.27 -16.48 7.14
C ASN A 91 -3.37 -15.97 8.27
N LYS A 92 -2.04 -15.98 8.08
CA LYS A 92 -1.11 -15.50 9.11
C LYS A 92 -0.64 -14.08 8.87
N GLY A 93 -0.96 -13.54 7.71
CA GLY A 93 -0.56 -12.18 7.44
C GLY A 93 0.06 -12.04 6.08
N TYR A 94 0.27 -10.78 5.71
CA TYR A 94 0.84 -10.45 4.43
C TYR A 94 1.28 -8.97 4.42
N ARG A 95 1.96 -8.54 3.36
CA ARG A 95 2.42 -7.16 3.26
C ARG A 95 2.04 -6.60 1.92
N MET A 96 1.43 -5.41 1.94
CA MET A 96 1.00 -4.71 0.72
C MET A 96 2.02 -3.63 0.47
N VAL A 97 2.46 -3.49 -0.78
CA VAL A 97 3.50 -2.53 -1.10
C VAL A 97 3.26 -1.85 -2.42
N VAL A 98 3.48 -0.55 -2.45
CA VAL A 98 3.39 0.23 -3.68
C VAL A 98 4.78 0.90 -3.77
N ASN A 99 5.39 0.82 -4.94
CA ASN A 99 6.70 1.42 -5.12
C ASN A 99 6.55 2.59 -6.05
N GLU A 100 7.22 3.68 -5.72
CA GLU A 100 7.20 4.89 -6.53
C GLU A 100 8.62 5.28 -7.00
N GLY A 101 8.81 5.41 -8.31
CA GLY A 101 10.09 5.86 -8.86
C GLY A 101 11.33 5.04 -8.61
N SER A 102 12.50 5.67 -8.73
CA SER A 102 13.81 4.99 -8.55
C SER A 102 14.11 4.57 -7.14
N ASP A 103 13.95 5.49 -6.19
CA ASP A 103 14.21 5.18 -4.79
C ASP A 103 13.23 4.15 -4.28
N GLY A 104 12.01 4.17 -4.83
CA GLY A 104 10.99 3.22 -4.41
C GLY A 104 11.21 1.88 -5.08
N GLY A 105 11.99 1.88 -6.15
CA GLY A 105 12.30 0.65 -6.85
C GLY A 105 11.16 0.12 -7.69
N GLN A 106 10.47 1.03 -8.35
CA GLN A 106 9.32 0.69 -9.17
C GLN A 106 9.87 0.05 -10.41
N SER A 107 9.43 -1.17 -10.69
CA SER A 107 9.97 -1.90 -11.83
C SER A 107 9.24 -1.73 -13.13
N VAL A 108 7.98 -1.32 -13.02
CA VAL A 108 7.14 -1.10 -14.18
C VAL A 108 6.34 0.18 -13.92
N TYR A 109 6.26 1.01 -14.94
CA TYR A 109 5.51 2.26 -14.86
C TYR A 109 4.01 2.11 -15.19
N HIS A 110 3.36 1.32 -14.35
CA HIS A 110 1.94 1.05 -14.40
C HIS A 110 1.72 0.75 -12.94
N VAL A 111 0.96 1.59 -12.24
CA VAL A 111 0.64 1.40 -10.81
C VAL A 111 0.32 -0.05 -10.49
N HIS A 112 0.91 -0.57 -9.42
CA HIS A 112 0.65 -1.95 -9.05
C HIS A 112 0.88 -2.12 -7.57
N LEU A 113 -0.04 -2.85 -6.94
CA LEU A 113 0.05 -3.12 -5.51
C LEU A 113 0.56 -4.56 -5.34
N HIS A 114 1.68 -4.73 -4.63
CA HIS A 114 2.24 -6.06 -4.37
C HIS A 114 1.60 -6.55 -3.11
N VAL A 115 1.31 -7.86 -3.07
CA VAL A 115 0.77 -8.49 -1.86
C VAL A 115 1.69 -9.71 -1.68
N LEU A 116 2.34 -9.78 -0.53
CA LEU A 116 3.30 -10.86 -0.22
C LEU A 116 3.02 -11.48 1.12
N GLY A 117 3.09 -12.81 1.16
CA GLY A 117 2.86 -13.51 2.41
C GLY A 117 3.35 -14.95 2.26
N GLY A 118 3.02 -15.79 3.23
CA GLY A 118 3.47 -17.16 3.18
C GLY A 118 4.80 -17.34 3.93
N ARG A 119 5.31 -16.24 4.50
CA ARG A 119 6.55 -16.26 5.29
C ARG A 119 6.56 -15.02 6.16
N GLN A 120 7.43 -15.03 7.17
CA GLN A 120 7.63 -13.88 8.03
C GLN A 120 8.27 -12.76 7.20
N MET A 121 7.54 -11.65 7.06
CA MET A 121 8.07 -10.50 6.33
C MET A 121 8.94 -9.74 7.36
N HIS A 122 9.98 -9.06 6.90
CA HIS A 122 10.90 -8.41 7.84
C HIS A 122 10.90 -6.87 7.83
N TRP A 123 11.49 -6.30 8.87
CA TRP A 123 11.58 -4.85 9.02
C TRP A 123 13.06 -4.45 9.05
N PRO A 124 13.46 -3.41 8.29
CA PRO A 124 12.72 -2.51 7.39
C PRO A 124 12.25 -3.21 6.13
N PRO A 125 11.21 -2.68 5.47
CA PRO A 125 10.66 -3.25 4.23
C PRO A 125 11.55 -2.88 3.03
N GLY A 126 12.81 -3.30 3.09
CA GLY A 126 13.79 -2.97 2.05
C GLY A 126 14.57 -1.73 2.50
N GLY B 14 -10.50 7.87 18.53
CA GLY B 14 -10.56 7.01 17.29
C GLY B 14 -9.96 5.63 17.45
N GLY B 15 -10.31 4.93 18.52
CA GLY B 15 -9.76 3.61 18.72
C GLY B 15 -9.08 3.39 20.07
N ASP B 16 -8.82 2.11 20.34
CA ASP B 16 -8.22 1.61 21.58
C ASP B 16 -6.70 1.44 21.60
N THR B 17 -6.04 1.84 20.51
CA THR B 17 -4.59 1.67 20.40
C THR B 17 -3.82 2.98 20.61
N ILE B 18 -2.51 2.89 20.40
CA ILE B 18 -1.55 4.00 20.45
C ILE B 18 -2.06 5.07 19.48
N PHE B 19 -2.42 4.61 18.27
CA PHE B 19 -2.90 5.49 17.23
C PHE B 19 -4.22 6.14 17.65
N GLY B 20 -5.04 5.41 18.42
CA GLY B 20 -6.27 6.00 18.90
C GLY B 20 -5.89 7.18 19.77
N LYS B 21 -4.88 7.01 20.62
CA LYS B 21 -4.39 8.07 21.51
C LYS B 21 -3.80 9.27 20.79
N ILE B 22 -3.14 9.01 19.66
CA ILE B 22 -2.54 10.05 18.86
C ILE B 22 -3.61 10.86 18.19
N ILE B 23 -4.65 10.16 17.73
CA ILE B 23 -5.78 10.81 17.05
C ILE B 23 -6.49 11.74 18.05
N ARG B 24 -6.64 11.28 19.29
CA ARG B 24 -7.29 12.05 20.36
C ARG B 24 -6.36 13.09 21.01
N LYS B 25 -5.20 13.32 20.39
CA LYS B 25 -4.16 14.26 20.85
C LYS B 25 -3.73 14.06 22.29
N GLU B 26 -3.84 12.83 22.77
CA GLU B 26 -3.44 12.50 24.14
C GLU B 26 -1.93 12.35 24.27
N ILE B 27 -1.33 11.76 23.25
CA ILE B 27 0.10 11.61 23.23
C ILE B 27 0.52 12.36 21.99
N PRO B 28 1.68 13.00 22.05
CA PRO B 28 2.23 13.80 20.96
C PRO B 28 2.63 13.03 19.70
N ALA B 29 2.68 13.78 18.60
CA ALA B 29 3.03 13.27 17.28
C ALA B 29 3.30 14.49 16.40
N LYS B 30 4.27 14.38 15.48
CA LYS B 30 4.55 15.48 14.57
C LYS B 30 3.68 15.29 13.34
N ILE B 31 2.60 16.06 13.32
CA ILE B 31 1.61 16.01 12.27
C ILE B 31 2.08 16.73 11.03
N ILE B 32 1.86 16.05 9.93
CA ILE B 32 2.21 16.54 8.63
C ILE B 32 0.92 17.03 7.95
N PHE B 33 -0.18 16.35 8.23
CA PHE B 33 -1.48 16.64 7.63
C PHE B 33 -2.62 16.05 8.42
N GLU B 34 -3.74 16.76 8.38
CA GLU B 34 -4.94 16.28 9.05
C GLU B 34 -6.19 16.75 8.35
N ASP B 35 -7.15 15.84 8.22
CA ASP B 35 -8.43 16.21 7.66
C ASP B 35 -9.46 15.42 8.42
N ASP B 36 -10.72 15.50 8.00
CA ASP B 36 -11.81 14.81 8.68
C ASP B 36 -11.72 13.26 8.68
N ARG B 37 -10.96 12.73 7.73
CA ARG B 37 -10.78 11.28 7.53
C ARG B 37 -9.47 10.61 7.98
N CYS B 38 -8.36 11.33 7.97
CA CYS B 38 -7.07 10.71 8.33
C CYS B 38 -6.12 11.64 9.00
N LEU B 39 -4.98 11.08 9.37
CA LEU B 39 -3.94 11.84 10.04
C LEU B 39 -2.60 11.33 9.52
N ALA B 40 -1.71 12.23 9.15
CA ALA B 40 -0.40 11.85 8.68
C ALA B 40 0.64 12.46 9.65
N PHE B 41 1.50 11.59 10.21
CA PHE B 41 2.53 12.01 11.15
C PHE B 41 3.81 11.22 10.96
N HIS B 42 4.91 11.76 11.48
CA HIS B 42 6.24 11.12 11.38
C HIS B 42 6.39 9.94 12.31
N ASP B 43 7.03 8.89 11.80
CA ASP B 43 7.23 7.69 12.57
C ASP B 43 8.38 7.97 13.55
N ILE B 44 8.23 7.56 14.82
CA ILE B 44 9.30 7.78 15.79
C ILE B 44 10.51 6.81 15.70
N SER B 45 10.41 5.80 14.84
CA SER B 45 11.52 4.86 14.60
C SER B 45 11.63 4.82 13.08
N PRO B 46 12.01 5.94 12.45
CA PRO B 46 12.14 6.00 10.98
C PRO B 46 13.08 4.92 10.39
N GLN B 47 12.72 4.35 9.24
CA GLN B 47 13.54 3.33 8.61
C GLN B 47 14.16 3.88 7.35
N ALA B 48 14.03 5.18 7.17
CA ALA B 48 14.60 5.88 6.03
C ALA B 48 14.67 7.35 6.48
N PRO B 49 15.43 8.20 5.78
CA PRO B 49 15.55 9.61 6.14
C PRO B 49 14.14 10.21 6.38
N THR B 50 13.22 9.91 5.46
CA THR B 50 11.83 10.33 5.63
C THR B 50 10.98 9.06 5.82
N HIS B 51 10.25 9.00 6.92
CA HIS B 51 9.37 7.91 7.20
C HIS B 51 8.18 8.39 8.03
N PHE B 52 7.01 8.44 7.38
CA PHE B 52 5.77 8.84 8.05
C PHE B 52 4.59 7.84 7.90
N LEU B 53 3.58 7.99 8.76
CA LEU B 53 2.40 7.13 8.69
C LEU B 53 1.14 7.95 8.34
N VAL B 54 0.20 7.32 7.64
CA VAL B 54 -1.10 7.92 7.30
C VAL B 54 -2.13 6.89 7.82
N ILE B 55 -2.86 7.30 8.86
CA ILE B 55 -3.86 6.45 9.44
C ILE B 55 -5.27 7.03 9.33
N PRO B 56 -6.30 6.16 9.19
CA PRO B 56 -7.68 6.65 9.10
C PRO B 56 -8.12 7.00 10.53
N LYS B 57 -8.97 8.02 10.68
CA LYS B 57 -9.44 8.38 12.04
C LYS B 57 -10.40 7.31 12.55
N LYS B 58 -11.13 6.70 11.61
CA LYS B 58 -12.06 5.60 11.88
C LYS B 58 -11.18 4.42 12.24
N HIS B 59 -11.53 3.72 13.30
CA HIS B 59 -10.72 2.59 13.70
C HIS B 59 -10.95 1.26 12.97
N ILE B 60 -10.18 0.99 11.93
CA ILE B 60 -10.26 -0.30 11.26
C ILE B 60 -9.02 -1.01 11.87
N SER B 61 -9.17 -2.17 12.53
CA SER B 61 -8.01 -2.80 13.16
C SER B 61 -6.92 -3.38 12.24
N GLN B 62 -7.31 -3.79 11.04
CA GLN B 62 -6.37 -4.35 10.10
C GLN B 62 -7.07 -4.41 8.78
N ILE B 63 -6.29 -4.38 7.71
CA ILE B 63 -6.83 -4.38 6.37
C ILE B 63 -7.62 -5.63 6.02
N SER B 64 -7.36 -6.75 6.69
CA SER B 64 -8.09 -7.95 6.33
C SER B 64 -9.53 -7.88 6.76
N VAL B 65 -9.85 -6.96 7.67
CA VAL B 65 -11.23 -6.82 8.10
C VAL B 65 -11.88 -5.56 7.54
N ALA B 66 -11.20 -4.87 6.61
CA ALA B 66 -11.74 -3.67 6.03
C ALA B 66 -12.99 -4.06 5.22
N GLU B 67 -14.01 -3.22 5.26
CA GLU B 67 -15.24 -3.52 4.53
C GLU B 67 -15.16 -2.95 3.15
N ASP B 68 -16.06 -3.41 2.29
CA ASP B 68 -16.10 -2.93 0.92
C ASP B 68 -16.33 -1.43 0.82
N ASP B 69 -17.04 -0.90 1.81
CA ASP B 69 -17.33 0.53 1.85
C ASP B 69 -16.16 1.38 2.26
N ASP B 70 -15.18 0.73 2.88
CA ASP B 70 -13.98 1.43 3.27
C ASP B 70 -13.06 1.72 2.10
N GLU B 71 -13.43 1.34 0.87
CA GLU B 71 -12.48 1.60 -0.20
C GLU B 71 -12.08 3.05 -0.50
N SER B 72 -13.00 3.99 -0.35
CA SER B 72 -12.66 5.38 -0.59
C SER B 72 -11.67 5.86 0.47
N LEU B 73 -11.90 5.48 1.72
CA LEU B 73 -11.05 5.87 2.86
C LEU B 73 -9.61 5.30 2.71
N LEU B 74 -9.52 4.05 2.22
CA LEU B 74 -8.22 3.40 2.00
C LEU B 74 -7.49 4.09 0.86
N GLY B 75 -8.16 4.33 -0.25
CA GLY B 75 -7.52 5.02 -1.36
C GLY B 75 -7.13 6.46 -0.93
N HIS B 76 -7.90 7.01 0.00
CA HIS B 76 -7.66 8.37 0.52
C HIS B 76 -6.33 8.36 1.26
N LEU B 77 -6.04 7.29 2.00
CA LEU B 77 -4.78 7.15 2.73
C LEU B 77 -3.61 7.23 1.76
N MET B 78 -3.77 6.65 0.57
CA MET B 78 -2.73 6.67 -0.44
C MET B 78 -2.61 8.01 -1.18
N ILE B 79 -3.73 8.67 -1.41
CA ILE B 79 -3.74 9.98 -2.06
C ILE B 79 -3.07 11.01 -1.11
N VAL B 80 -3.37 10.91 0.19
CA VAL B 80 -2.78 11.79 1.21
C VAL B 80 -1.29 11.45 1.37
N GLY B 81 -0.95 10.16 1.35
CA GLY B 81 0.44 9.73 1.45
C GLY B 81 1.27 10.26 0.29
N LYS B 82 0.75 10.21 -0.94
CA LYS B 82 1.54 10.70 -2.06
C LYS B 82 1.69 12.22 -2.03
N LYS B 83 0.63 12.93 -1.59
CA LYS B 83 0.65 14.40 -1.46
C LYS B 83 1.67 14.80 -0.40
N CYS B 84 1.60 14.13 0.75
CA CYS B 84 2.54 14.44 1.82
C CYS B 84 3.95 14.16 1.39
N ALA B 85 4.16 13.08 0.64
CA ALA B 85 5.50 12.72 0.18
C ALA B 85 6.02 13.79 -0.75
N ALA B 86 5.16 14.31 -1.61
CA ALA B 86 5.57 15.36 -2.54
C ALA B 86 5.90 16.63 -1.72
N ASP B 87 5.10 16.89 -0.70
CA ASP B 87 5.30 18.06 0.15
C ASP B 87 6.60 17.95 0.93
N LEU B 88 6.96 16.72 1.33
CA LEU B 88 8.18 16.46 2.09
C LEU B 88 9.40 16.37 1.20
N GLY B 89 9.19 16.68 -0.08
CA GLY B 89 10.24 16.67 -1.10
C GLY B 89 10.81 15.33 -1.54
N LEU B 90 9.99 14.28 -1.54
CA LEU B 90 10.42 12.95 -1.97
C LEU B 90 10.25 12.80 -3.48
N ASN B 91 11.02 13.59 -4.20
CA ASN B 91 10.99 13.58 -5.66
C ASN B 91 11.73 12.42 -6.37
N LYS B 92 12.56 11.66 -5.64
CA LYS B 92 13.30 10.55 -6.24
C LYS B 92 12.54 9.24 -6.09
N GLY B 93 11.52 9.25 -5.24
CA GLY B 93 10.71 8.06 -5.05
C GLY B 93 10.51 7.76 -3.59
N TYR B 94 9.68 6.76 -3.34
CA TYR B 94 9.35 6.32 -2.01
C TYR B 94 8.61 4.97 -2.13
N ARG B 95 8.35 4.36 -0.98
CA ARG B 95 7.65 3.10 -0.93
C ARG B 95 6.50 3.20 0.08
N MET B 96 5.33 2.69 -0.28
CA MET B 96 4.17 2.67 0.62
C MET B 96 4.01 1.22 1.08
N VAL B 97 3.72 1.03 2.36
CA VAL B 97 3.59 -0.27 2.95
C VAL B 97 2.44 -0.35 3.94
N VAL B 98 1.64 -1.41 3.81
CA VAL B 98 0.56 -1.71 4.73
C VAL B 98 0.90 -3.15 5.18
N ASN B 99 1.06 -3.32 6.50
CA ASN B 99 1.41 -4.59 7.14
C ASN B 99 0.16 -5.22 7.71
N GLU B 100 -0.06 -6.52 7.45
CA GLU B 100 -1.23 -7.24 7.97
C GLU B 100 -0.84 -8.43 8.86
N GLY B 101 -1.38 -8.46 10.06
CA GLY B 101 -1.10 -9.56 10.96
C GLY B 101 0.35 -9.82 11.29
N SER B 102 0.55 -11.01 11.87
CA SER B 102 1.85 -11.51 12.32
C SER B 102 2.91 -11.57 11.21
N ASP B 103 2.63 -12.31 10.12
CA ASP B 103 3.57 -12.45 9.02
C ASP B 103 3.83 -11.11 8.35
N GLY B 104 2.84 -10.23 8.40
CA GLY B 104 2.99 -8.91 7.81
C GLY B 104 3.81 -8.00 8.70
N GLY B 105 4.03 -8.39 9.95
CA GLY B 105 4.80 -7.55 10.85
C GLY B 105 4.00 -6.35 11.35
N GLN B 106 2.68 -6.53 11.46
CA GLN B 106 1.80 -5.48 11.94
C GLN B 106 1.88 -5.56 13.45
N SER B 107 2.29 -4.47 14.09
CA SER B 107 2.34 -4.46 15.54
C SER B 107 1.25 -3.62 16.16
N VAL B 108 0.77 -2.62 15.45
CA VAL B 108 -0.28 -1.77 15.96
C VAL B 108 -1.55 -2.12 15.21
N TYR B 109 -2.56 -2.54 15.96
CA TYR B 109 -3.82 -2.91 15.36
C TYR B 109 -4.87 -1.81 15.08
N HIS B 110 -4.49 -0.95 14.15
CA HIS B 110 -5.28 0.16 13.66
C HIS B 110 -4.61 0.35 12.30
N VAL B 111 -5.34 0.20 11.22
CA VAL B 111 -4.76 0.32 9.88
C VAL B 111 -3.86 1.55 9.79
N HIS B 112 -2.63 1.34 9.35
CA HIS B 112 -1.73 2.39 8.93
C HIS B 112 -1.11 2.10 7.63
N LEU B 113 -0.82 3.19 6.92
CA LEU B 113 0.04 3.21 5.74
C LEU B 113 1.46 3.85 5.99
N HIS B 114 2.52 3.08 5.76
CA HIS B 114 3.89 3.56 5.90
C HIS B 114 4.34 4.21 4.58
N VAL B 115 4.99 5.39 4.64
CA VAL B 115 5.54 6.02 3.43
C VAL B 115 7.01 6.24 3.83
N LEU B 116 7.92 5.61 3.08
CA LEU B 116 9.36 5.68 3.36
C LEU B 116 10.07 6.21 2.15
N GLY B 117 11.02 7.11 2.40
CA GLY B 117 11.74 7.69 1.28
C GLY B 117 13.02 8.39 1.71
N GLY B 118 13.75 8.86 0.72
CA GLY B 118 14.97 9.57 1.04
C GLY B 118 16.23 8.74 0.92
N ARG B 119 16.08 7.49 0.50
CA ARG B 119 17.21 6.60 0.30
C ARG B 119 16.73 5.54 -0.68
N GLN B 120 17.64 4.73 -1.18
CA GLN B 120 17.26 3.67 -2.10
C GLN B 120 16.60 2.55 -1.29
N MET B 121 15.38 2.21 -1.70
CA MET B 121 14.64 1.12 -1.07
C MET B 121 15.09 -0.15 -1.84
N HIS B 122 15.18 -1.25 -1.12
CA HIS B 122 15.67 -2.49 -1.73
C HIS B 122 14.61 -3.52 -1.97
N TRP B 123 15.01 -4.55 -2.72
CA TRP B 123 14.11 -5.64 -3.04
C TRP B 123 14.71 -6.96 -2.52
N PRO B 124 13.90 -7.82 -1.86
CA PRO B 124 12.47 -7.73 -1.54
C PRO B 124 12.20 -6.74 -0.43
N PRO B 125 10.94 -6.30 -0.32
CA PRO B 125 10.50 -5.34 0.69
C PRO B 125 10.39 -5.99 2.04
N GLY B 126 11.50 -6.54 2.52
CA GLY B 126 11.51 -7.25 3.79
C GLY B 126 11.21 -8.70 3.49
WB ADW C . 6.63 -2.97 12.83
O1B ADW C . 7.45 -1.75 11.96
O2B ADW C . 7.01 -4.50 12.16
O3B ADW C . 7.15 -2.90 14.45
WA ADW C . 3.18 -1.53 12.10
O1A ADW C . 2.09 -2.34 13.10
O2A ADW C . 3.42 -2.04 10.49
O3A ADW C . 4.84 -2.67 12.71
O5' ADW C . 3.95 -0.11 12.73
C5' ADW C . 3.95 0.54 13.88
C4' ADW C . 4.58 1.80 13.20
O4' ADW C . 4.10 2.68 14.29
C3' ADW C . 6.13 1.54 13.45
O3' ADW C . 6.97 1.99 12.36
C2' ADW C . 6.41 2.35 14.78
O2' ADW C . 7.70 2.98 14.87
C1' ADW C . 5.28 3.43 14.75
N9 ADW C . 4.90 4.11 16.01
C8 ADW C . 4.50 3.52 17.20
N7 ADW C . 4.18 4.37 18.18
C5 ADW C . 4.39 5.63 17.54
C6 ADW C . 4.28 7.02 18.02
N6 ADW C . 4.07 7.28 19.34
N1 ADW C . 4.42 7.97 17.07
C2 ADW C . 4.90 7.73 15.83
N3 ADW C . 4.92 6.50 15.26
C4 ADW C . 4.75 5.48 16.21
#